data_7X34
#
_entry.id   7X34
#
_cell.length_a   1.00
_cell.length_b   1.00
_cell.length_c   1.00
_cell.angle_alpha   90.00
_cell.angle_beta   90.00
_cell.angle_gamma   90.00
#
_symmetry.space_group_name_H-M   'P 1'
#
loop_
_entity.id
_entity.type
_entity.pdbx_description
1 polymer Zuotin
2 polymer 'RNA (130-mer)'
#
loop_
_entity_poly.entity_id
_entity_poly.type
_entity_poly.pdbx_seq_one_letter_code
_entity_poly.pdbx_strand_id
1 'polypeptide(L)'
;ASAKADKKKAKEAAKAAKKKNKRAIRNSAKEADYFGDADKATTIDEQVGLIVDSLNDEELVSTADKIKANAAGAKEVLKE
SAKTIVDSGKLPSSLLSYFV
;
C
2 'polyribonucleotide'
;CGCCCGUCGCUAGUACCGAUUGAAUGGCUUAGUGAGGCCUCAGGAUCUGCUUAGAGAAGGGGGCAACUCCAUCUCAGAGC
GGAGAAUUUGGACAAACUUGGUCAUUUAGAGGAACUAAAAGUCGUAACAA
;
3
#
loop_
_chem_comp.id
_chem_comp.type
_chem_comp.name
_chem_comp.formula
A RNA linking ADENOSINE-5'-MONOPHOSPHATE 'C10 H14 N5 O7 P'
C RNA linking CYTIDINE-5'-MONOPHOSPHATE 'C9 H14 N3 O8 P'
G RNA linking GUANOSINE-5'-MONOPHOSPHATE 'C10 H14 N5 O8 P'
U RNA linking URIDINE-5'-MONOPHOSPHATE 'C9 H13 N2 O9 P'
#
# COMPACT_ATOMS: atom_id res chain seq x y z
N ALA A 1 3.89 32.77 -15.13
CA ALA A 1 3.27 33.71 -14.22
C ALA A 1 3.27 33.18 -12.80
N SER A 2 2.55 33.87 -11.91
CA SER A 2 2.37 33.36 -10.56
C SER A 2 1.32 32.25 -10.55
N ALA A 3 0.39 32.29 -11.51
CA ALA A 3 -0.70 31.33 -11.55
C ALA A 3 -0.19 29.92 -11.85
N LYS A 4 0.81 29.82 -12.73
CA LYS A 4 1.37 28.51 -13.06
C LYS A 4 2.11 27.92 -11.86
N ALA A 5 2.76 28.78 -11.06
CA ALA A 5 3.46 28.28 -9.88
C ALA A 5 2.48 27.90 -8.78
N ASP A 6 1.36 28.62 -8.70
CA ASP A 6 0.30 28.25 -7.76
C ASP A 6 -0.33 26.92 -8.16
N LYS A 7 -0.51 26.70 -9.45
CA LYS A 7 -0.99 25.41 -9.94
C LYS A 7 0.03 24.32 -9.66
N LYS A 8 1.32 24.64 -9.77
CA LYS A 8 2.38 23.68 -9.42
C LYS A 8 2.34 23.32 -7.94
N LYS A 9 2.07 24.33 -7.10
CA LYS A 9 1.86 24.12 -5.67
C LYS A 9 0.69 23.19 -5.42
N ALA A 10 -0.41 23.40 -6.13
CA ALA A 10 -1.59 22.54 -5.99
C ALA A 10 -1.29 21.12 -6.45
N LYS A 11 -0.57 20.98 -7.56
CA LYS A 11 -0.28 19.65 -8.10
C LYS A 11 0.69 18.87 -7.21
N GLU A 12 1.66 19.56 -6.61
CA GLU A 12 2.58 18.83 -5.74
C GLU A 12 1.91 18.51 -4.42
N ALA A 13 0.94 19.34 -4.01
CA ALA A 13 0.11 19.00 -2.85
C ALA A 13 -0.73 17.76 -3.13
N ALA A 14 -1.28 17.67 -4.34
CA ALA A 14 -2.07 16.50 -4.72
C ALA A 14 -1.19 15.25 -4.84
N LYS A 15 0.04 15.44 -5.35
CA LYS A 15 0.98 14.33 -5.48
C LYS A 15 1.49 13.88 -4.12
N ALA A 16 1.49 14.80 -3.14
CA ALA A 16 1.97 14.49 -1.79
C ALA A 16 1.08 13.46 -1.12
N ALA A 17 -0.22 13.51 -1.38
CA ALA A 17 -1.12 12.50 -0.82
C ALA A 17 -0.91 11.15 -1.48
N LYS A 18 -0.50 11.15 -2.74
CA LYS A 18 -0.36 9.88 -3.47
C LYS A 18 0.90 9.14 -3.06
N LYS A 19 1.99 9.87 -2.81
CA LYS A 19 3.27 9.23 -2.52
C LYS A 19 3.30 8.63 -1.12
N LYS A 20 2.69 9.32 -0.14
CA LYS A 20 2.93 8.96 1.24
C LYS A 20 2.11 7.75 1.64
N ASN A 21 0.99 7.52 0.96
CA ASN A 21 0.26 6.27 1.14
C ASN A 21 1.10 5.08 0.73
N LYS A 22 1.68 5.14 -0.48
CA LYS A 22 2.43 4.02 -1.01
C LYS A 22 3.72 3.79 -0.22
N ARG A 23 4.36 4.86 0.27
CA ARG A 23 5.56 4.64 1.06
C ARG A 23 5.23 4.30 2.53
N ALA A 24 4.09 4.74 3.05
CA ALA A 24 3.73 4.34 4.41
C ALA A 24 3.34 2.87 4.45
N ILE A 25 2.78 2.38 3.35
CA ILE A 25 2.49 0.95 3.26
C ILE A 25 3.80 0.18 3.00
N ARG A 26 4.83 0.87 2.47
CA ARG A 26 6.16 0.24 2.46
C ARG A 26 6.66 0.06 3.90
N ASN A 27 6.55 1.12 4.71
CA ASN A 27 7.05 1.07 6.08
C ASN A 27 6.25 0.13 6.98
N SER A 28 4.97 -0.08 6.68
CA SER A 28 4.11 -0.85 7.59
C SER A 28 4.46 -2.34 7.58
N ALA A 29 5.30 -2.77 6.63
CA ALA A 29 5.94 -4.08 6.75
C ALA A 29 7.10 -4.04 7.75
N LYS A 30 7.47 -2.86 8.23
CA LYS A 30 8.56 -2.76 9.21
C LYS A 30 8.05 -2.40 10.60
N GLU A 31 7.06 -1.50 10.68
CA GLU A 31 6.52 -1.16 12.00
C GLU A 31 5.68 -2.30 12.55
N ALA A 32 4.93 -2.98 11.68
CA ALA A 32 4.27 -4.21 12.09
C ALA A 32 5.20 -5.42 12.00
N ASP A 33 6.46 -5.21 11.62
CA ASP A 33 7.52 -6.19 11.46
C ASP A 33 7.22 -7.16 10.32
N TYR A 34 8.15 -8.06 10.04
CA TYR A 34 7.93 -8.91 8.88
C TYR A 34 7.19 -10.18 9.21
N PHE A 35 6.52 -10.21 10.38
CA PHE A 35 5.68 -11.31 10.84
C PHE A 35 6.42 -12.64 10.91
N GLY A 36 7.68 -12.61 11.36
CA GLY A 36 8.50 -13.80 11.39
C GLY A 36 9.09 -14.19 10.05
N ASP A 37 8.94 -13.36 9.03
CA ASP A 37 9.36 -13.67 7.66
C ASP A 37 10.27 -12.58 7.11
N ALA A 38 11.28 -12.19 7.89
CA ALA A 38 12.31 -11.29 7.38
C ALA A 38 13.23 -11.98 6.39
N ASP A 39 13.21 -13.31 6.33
CA ASP A 39 13.92 -14.04 5.29
C ASP A 39 13.34 -13.74 3.91
N LYS A 40 12.01 -13.67 3.80
CA LYS A 40 11.33 -13.30 2.57
C LYS A 40 10.75 -11.89 2.66
N ALA A 41 11.44 -11.00 3.38
CA ALA A 41 11.06 -9.61 3.55
C ALA A 41 11.03 -8.87 2.21
N THR A 42 11.98 -9.20 1.34
CA THR A 42 12.01 -8.63 -0.02
C THR A 42 10.80 -9.09 -0.81
N THR A 43 10.41 -10.36 -0.66
CA THR A 43 9.21 -10.87 -1.32
C THR A 43 7.96 -10.16 -0.81
N ILE A 44 7.90 -9.93 0.51
CA ILE A 44 6.78 -9.20 1.11
C ILE A 44 6.72 -7.78 0.55
N ASP A 45 7.88 -7.13 0.40
CA ASP A 45 7.92 -5.74 -0.06
C ASP A 45 7.54 -5.63 -1.53
N GLU A 46 7.99 -6.57 -2.37
CA GLU A 46 7.61 -6.50 -3.78
C GLU A 46 6.14 -6.86 -3.96
N GLN A 47 5.63 -7.81 -3.17
CA GLN A 47 4.21 -8.16 -3.26
C GLN A 47 3.31 -7.02 -2.82
N VAL A 48 3.70 -6.29 -1.77
CA VAL A 48 2.87 -5.16 -1.37
C VAL A 48 3.08 -4.00 -2.33
N GLY A 49 4.20 -3.99 -3.05
CA GLY A 49 4.33 -3.06 -4.15
C GLY A 49 3.32 -3.30 -5.25
N LEU A 50 3.14 -4.57 -5.65
CA LEU A 50 2.05 -4.93 -6.56
C LEU A 50 0.69 -4.59 -5.98
N ILE A 51 0.53 -4.76 -4.67
CA ILE A 51 -0.76 -4.45 -4.01
C ILE A 51 -1.09 -2.97 -4.14
N VAL A 52 -0.14 -2.09 -3.81
CA VAL A 52 -0.43 -0.66 -3.84
C VAL A 52 -0.44 -0.11 -5.25
N ASP A 53 0.21 -0.80 -6.19
CA ASP A 53 0.23 -0.30 -7.55
C ASP A 53 -0.85 -0.95 -8.41
N SER A 54 -1.62 -1.87 -7.84
CA SER A 54 -2.80 -2.38 -8.50
C SER A 54 -4.10 -1.72 -8.02
N LEU A 55 -4.02 -0.81 -7.05
CA LEU A 55 -5.23 -0.28 -6.42
C LEU A 55 -5.40 1.21 -6.75
N ASN A 56 -6.44 1.80 -6.17
CA ASN A 56 -6.79 3.22 -6.31
C ASN A 56 -6.61 3.93 -4.96
N ASP A 57 -6.61 5.26 -4.99
CA ASP A 57 -6.17 6.04 -3.83
C ASP A 57 -7.22 6.02 -2.72
N GLU A 58 -8.48 5.76 -3.06
CA GLU A 58 -9.50 5.72 -2.01
C GLU A 58 -9.38 4.48 -1.15
N GLU A 59 -9.04 3.33 -1.73
CA GLU A 59 -8.75 2.20 -0.87
C GLU A 59 -7.33 2.26 -0.33
N LEU A 60 -6.46 3.10 -0.92
CA LEU A 60 -5.20 3.42 -0.26
C LEU A 60 -5.41 4.14 1.06
N VAL A 61 -6.27 5.16 1.07
CA VAL A 61 -6.51 5.87 2.33
C VAL A 61 -7.39 5.04 3.25
N SER A 62 -8.24 4.17 2.68
CA SER A 62 -9.02 3.25 3.51
C SER A 62 -8.12 2.25 4.22
N THR A 63 -7.17 1.65 3.49
CA THR A 63 -6.22 0.73 4.08
C THR A 63 -5.26 1.45 5.01
N ALA A 64 -4.96 2.72 4.72
CA ALA A 64 -4.15 3.52 5.64
C ALA A 64 -4.86 3.73 6.97
N ASP A 65 -6.17 4.00 6.90
CA ASP A 65 -6.97 4.12 8.12
C ASP A 65 -7.05 2.79 8.84
N LYS A 66 -7.08 1.70 8.08
CA LYS A 66 -7.11 0.36 8.69
C LYS A 66 -5.79 0.00 9.35
N ILE A 67 -4.66 0.47 8.82
CA ILE A 67 -3.37 0.09 9.40
C ILE A 67 -2.98 1.06 10.52
N LYS A 68 -3.51 2.28 10.54
CA LYS A 68 -3.39 3.00 11.81
C LYS A 68 -4.47 2.62 12.79
N ALA A 69 -5.50 1.89 12.36
CA ALA A 69 -6.41 1.27 13.31
C ALA A 69 -5.74 0.13 14.06
N ASN A 70 -4.80 -0.58 13.42
CA ASN A 70 -3.99 -1.61 14.07
C ASN A 70 -2.55 -1.58 13.55
N ALA A 71 -1.66 -1.01 14.38
CA ALA A 71 -0.28 -0.79 13.96
C ALA A 71 0.53 -2.08 13.95
N ALA A 72 0.32 -2.97 14.93
CA ALA A 72 1.04 -4.23 14.96
C ALA A 72 0.29 -5.34 14.24
N GLY A 73 -0.92 -5.06 13.77
CA GLY A 73 -1.75 -6.08 13.15
C GLY A 73 -2.17 -5.74 11.73
N ALA A 74 -1.25 -5.20 10.93
CA ALA A 74 -1.60 -4.76 9.58
C ALA A 74 -1.74 -5.94 8.61
N LYS A 75 -1.28 -7.12 9.02
CA LYS A 75 -1.23 -8.28 8.11
C LYS A 75 -2.63 -8.74 7.70
N GLU A 76 -3.62 -8.57 8.58
CA GLU A 76 -4.99 -8.91 8.22
C GLU A 76 -5.52 -7.98 7.13
N VAL A 77 -5.18 -6.69 7.19
CA VAL A 77 -5.56 -5.74 6.16
C VAL A 77 -4.86 -6.08 4.84
N LEU A 78 -3.58 -6.44 4.92
CA LEU A 78 -2.84 -6.83 3.71
C LEU A 78 -3.41 -8.08 3.05
N LYS A 79 -3.72 -9.11 3.84
CA LYS A 79 -4.28 -10.32 3.25
C LYS A 79 -5.70 -10.10 2.76
N GLU A 80 -6.46 -9.22 3.43
CA GLU A 80 -7.80 -8.89 2.96
C GLU A 80 -7.75 -8.16 1.62
N SER A 81 -6.84 -7.19 1.50
CA SER A 81 -6.69 -6.46 0.25
C SER A 81 -6.15 -7.36 -0.85
N ALA A 82 -5.33 -8.34 -0.46
CA ALA A 82 -4.87 -9.36 -1.39
C ALA A 82 -6.03 -10.21 -1.90
N LYS A 83 -6.96 -10.56 -1.00
CA LYS A 83 -8.16 -11.29 -1.39
C LYS A 83 -9.02 -10.46 -2.34
N THR A 84 -9.17 -9.17 -2.08
CA THR A 84 -9.94 -8.31 -2.98
C THR A 84 -9.27 -8.17 -4.35
N ILE A 85 -7.93 -8.07 -4.39
CA ILE A 85 -7.28 -7.84 -5.68
C ILE A 85 -7.23 -9.14 -6.49
N VAL A 86 -7.25 -10.30 -5.82
CA VAL A 86 -7.33 -11.53 -6.62
C VAL A 86 -8.77 -11.84 -6.98
N ASP A 87 -9.75 -11.31 -6.25
CA ASP A 87 -11.14 -11.44 -6.69
C ASP A 87 -11.43 -10.50 -7.85
N SER A 88 -10.71 -9.38 -7.92
CA SER A 88 -10.89 -8.45 -9.03
C SER A 88 -10.39 -9.00 -10.36
N GLY A 89 -9.47 -9.97 -10.33
CA GLY A 89 -8.93 -10.52 -11.55
C GLY A 89 -7.85 -9.68 -12.21
N LYS A 90 -7.48 -8.55 -11.59
CA LYS A 90 -6.42 -7.72 -12.15
C LYS A 90 -5.06 -8.37 -11.94
N LEU A 91 -4.91 -9.10 -10.83
CA LEU A 91 -3.63 -9.59 -10.37
C LEU A 91 -3.71 -11.08 -10.09
N PRO A 92 -2.67 -11.86 -10.40
CA PRO A 92 -2.70 -13.29 -10.11
C PRO A 92 -2.30 -13.72 -8.69
N SER A 93 -2.94 -14.80 -8.24
CA SER A 93 -2.76 -15.28 -6.87
C SER A 93 -1.40 -15.93 -6.65
N SER A 94 -0.76 -16.42 -7.71
CA SER A 94 0.58 -17.00 -7.58
C SER A 94 1.61 -15.93 -7.21
N LEU A 95 1.38 -14.69 -7.65
CA LEU A 95 2.27 -13.59 -7.29
C LEU A 95 2.13 -13.18 -5.83
N LEU A 96 0.91 -13.28 -5.28
CA LEU A 96 0.59 -12.96 -3.90
C LEU A 96 0.21 -14.19 -3.11
N SER A 97 0.95 -15.28 -3.31
CA SER A 97 0.69 -16.54 -2.61
C SER A 97 0.91 -16.47 -1.11
N TYR A 98 1.67 -15.49 -0.63
CA TYR A 98 1.92 -15.40 0.81
C TYR A 98 0.70 -14.88 1.57
N PHE A 99 0.00 -13.87 1.04
CA PHE A 99 -1.14 -13.31 1.73
C PHE A 99 -2.46 -13.93 1.31
N VAL A 100 -2.56 -14.41 0.08
CA VAL A 100 -3.75 -15.14 -0.34
C VAL A 100 -3.60 -16.59 0.08
#